data_1E3X
#
_entry.id   1E3X
#
_cell.length_a   53.000
_cell.length_b   78.200
_cell.length_c   240.600
_cell.angle_alpha   90.00
_cell.angle_beta   90.00
_cell.angle_gamma   90.00
#
_symmetry.space_group_name_H-M   'C 2 2 21'
#
loop_
_entity.id
_entity.type
_entity.pdbx_description
1 polymer ALPHA-AMYLASE
2 non-polymer 'CALCIUM ION'
3 non-polymer 'SODIUM ION'
4 water water
#
_entity_poly.entity_id   1
_entity_poly.type   'polypeptide(L)'
_entity_poly.pdbx_seq_one_letter_code
;VNGTLMQYFEWYTPNDGQHWKRLQNDAEHLSDIGITAVWIPPAYKGLSQSDNGYGPYDLYDLGEFQQKGTVRTKYGTKSE
LQDAIGSLHSRNVQVYGDVVLNHKAGADATEDVTAVEVNPANRNQETSEEYQIKAWTDFRFPGRGNTYSDFKWHWYHFDG
ADWDESRKISRIFKFRGEGKAWDWEVSSENGNYDYLMYADVDYDHPDVVAETKKWGIWYANELSLDGFRIDAAKHIKFSF
LRDWVQAVRQATGKEMFTVAEYWQNNAGKLENYLNKTSFNQSVFDVPLHFNLQAASSQGGGYDMRKLLNGTVVSKHPLKS
VTFVDNHDTQPGQSLESTVQTWFKPLAYAFILTRESGYPQVFYGDMYGTKGDSQREIPALKHKIEPILKARKQYAYGAQH
DYFDHHDIVGWTREGDSSVANSGLAALITDGPGGAKRMYVGRQNAGETWHDITGNRSEPVVINSEGWGEFHVNGGSVSIY
VQR
;
_entity_poly.pdbx_strand_id   A
#
loop_
_chem_comp.id
_chem_comp.type
_chem_comp.name
_chem_comp.formula
CA non-polymer 'CALCIUM ION' 'Ca 2'
NA non-polymer 'SODIUM ION' 'Na 1'
#
# COMPACT_ATOMS: atom_id res chain seq x y z
N VAL A 1 11.49 17.55 -7.91
CA VAL A 1 11.99 16.15 -8.03
C VAL A 1 10.83 15.15 -8.10
N ASN A 2 10.97 14.01 -8.76
CA ASN A 2 9.92 13.00 -8.77
C ASN A 2 9.68 12.43 -7.38
N GLY A 3 8.45 12.23 -6.92
CA GLY A 3 8.26 11.64 -5.60
C GLY A 3 8.26 10.11 -5.72
N THR A 4 8.68 9.46 -4.64
CA THR A 4 8.74 8.00 -4.59
C THR A 4 8.37 7.54 -3.18
N LEU A 5 7.42 6.63 -3.08
CA LEU A 5 7.01 6.10 -1.76
C LEU A 5 7.75 4.81 -1.41
N MET A 6 7.95 4.52 -0.14
CA MET A 6 8.52 3.24 0.27
C MET A 6 7.64 2.62 1.36
N GLN A 7 7.24 1.39 1.18
CA GLN A 7 6.48 0.66 2.21
C GLN A 7 7.56 0.15 3.19
N TYR A 8 7.61 0.59 4.43
CA TYR A 8 8.73 0.19 5.29
C TYR A 8 8.49 -0.95 6.24
N PHE A 9 8.15 -2.11 5.69
CA PHE A 9 7.98 -3.33 6.50
C PHE A 9 7.62 -4.48 5.54
N GLU A 10 7.76 -5.70 6.01
CA GLU A 10 7.33 -6.90 5.28
C GLU A 10 6.60 -7.81 6.30
N TRP A 11 5.87 -8.83 5.82
CA TRP A 11 5.10 -9.63 6.79
C TRP A 11 5.94 -10.28 7.90
N TYR A 12 7.14 -10.73 7.59
CA TYR A 12 8.00 -11.40 8.54
C TYR A 12 9.04 -10.54 9.22
N THR A 13 8.86 -9.23 9.28
CA THR A 13 9.79 -8.39 10.08
C THR A 13 9.81 -9.02 11.47
N PRO A 14 10.95 -9.11 12.17
CA PRO A 14 11.02 -9.80 13.45
C PRO A 14 10.31 -9.11 14.60
N ASN A 15 9.87 -9.87 15.58
CA ASN A 15 9.27 -9.25 16.77
C ASN A 15 10.38 -8.98 17.79
N ASP A 16 11.32 -8.12 17.43
CA ASP A 16 12.42 -7.83 18.37
C ASP A 16 12.26 -6.45 18.99
N GLY A 17 11.22 -5.69 18.67
CA GLY A 17 11.02 -4.34 19.18
C GLY A 17 11.98 -3.27 18.67
N GLN A 18 12.72 -3.53 17.60
CA GLN A 18 13.70 -2.60 17.08
C GLN A 18 13.40 -2.01 15.71
N HIS A 19 12.17 -2.19 15.22
CA HIS A 19 11.85 -1.68 13.86
C HIS A 19 11.90 -0.17 13.77
N TRP A 20 11.45 0.58 14.79
CA TRP A 20 11.57 2.04 14.72
C TRP A 20 13.03 2.52 14.71
N LYS A 21 13.90 1.86 15.46
CA LYS A 21 15.33 2.18 15.43
C LYS A 21 15.94 1.86 14.07
N ARG A 22 15.50 0.75 13.46
CA ARG A 22 15.98 0.43 12.12
C ARG A 22 15.61 1.56 11.14
N LEU A 23 14.39 2.06 11.23
CA LEU A 23 13.95 3.13 10.33
C LEU A 23 14.77 4.40 10.55
N GLN A 24 14.97 4.68 11.84
CA GLN A 24 15.75 5.86 12.24
C GLN A 24 17.16 5.77 11.65
N ASN A 25 17.79 4.61 11.78
CA ASN A 25 19.14 4.45 11.25
C ASN A 25 19.21 4.44 9.72
N ASP A 26 18.12 4.19 9.01
CA ASP A 26 18.12 4.16 7.55
C ASP A 26 17.71 5.48 6.91
N ALA A 27 17.36 6.52 7.66
CA ALA A 27 16.87 7.76 7.08
C ALA A 27 17.81 8.42 6.10
N GLU A 28 19.11 8.48 6.42
CA GLU A 28 20.02 9.11 5.44
C GLU A 28 20.05 8.40 4.11
N HIS A 29 20.17 7.08 4.16
CA HIS A 29 20.22 6.20 2.99
C HIS A 29 18.98 6.34 2.12
N LEU A 30 17.78 6.29 2.76
CA LEU A 30 16.53 6.47 2.00
C LEU A 30 16.49 7.84 1.33
N SER A 31 16.86 8.88 2.07
CA SER A 31 16.86 10.22 1.41
C SER A 31 17.90 10.25 0.29
N ASP A 32 19.10 9.71 0.46
CA ASP A 32 20.05 9.71 -0.64
C ASP A 32 19.58 8.96 -1.89
N ILE A 33 18.88 7.82 -1.79
CA ILE A 33 18.49 7.10 -3.00
C ILE A 33 17.27 7.69 -3.67
N GLY A 34 16.63 8.69 -3.07
CA GLY A 34 15.48 9.32 -3.70
C GLY A 34 14.13 9.02 -3.11
N ILE A 35 14.02 8.36 -1.97
CA ILE A 35 12.69 8.12 -1.36
C ILE A 35 12.19 9.45 -0.80
N THR A 36 10.94 9.83 -1.08
CA THR A 36 10.42 11.09 -0.51
C THR A 36 9.33 10.90 0.53
N ALA A 37 8.78 9.69 0.70
CA ALA A 37 7.75 9.45 1.70
C ALA A 37 7.80 7.98 2.12
N VAL A 38 7.61 7.67 3.39
CA VAL A 38 7.60 6.29 3.88
C VAL A 38 6.24 5.95 4.48
N TRP A 39 5.70 4.78 4.20
CA TRP A 39 4.46 4.27 4.79
C TRP A 39 4.89 3.33 5.92
N ILE A 40 4.53 3.63 7.18
CA ILE A 40 4.94 2.77 8.30
C ILE A 40 3.77 1.84 8.69
N PRO A 41 4.02 0.66 9.27
CA PRO A 41 3.00 -0.29 9.64
C PRO A 41 2.15 0.29 10.80
N PRO A 42 1.02 -0.37 11.10
CA PRO A 42 0.13 0.11 12.15
C PRO A 42 0.93 0.25 13.44
N ALA A 43 0.86 1.42 14.05
CA ALA A 43 1.74 1.71 15.19
C ALA A 43 1.15 1.56 16.58
N TYR A 44 -0.11 1.14 16.64
CA TYR A 44 -0.90 0.99 17.85
C TYR A 44 -0.99 -0.47 18.27
N LYS A 45 -1.37 -0.62 19.55
CA LYS A 45 -1.36 -1.92 20.23
C LYS A 45 -2.33 -2.93 19.62
N GLY A 46 -1.82 -4.09 19.24
CA GLY A 46 -2.65 -5.15 18.65
C GLY A 46 -3.13 -6.12 19.72
N LEU A 47 -3.80 -7.19 19.30
CA LEU A 47 -4.30 -8.16 20.27
C LEU A 47 -3.18 -8.89 21.02
N SER A 48 -1.95 -8.88 20.55
CA SER A 48 -0.82 -9.46 21.27
C SER A 48 0.41 -8.66 20.84
N GLN A 49 1.52 -8.86 21.54
CA GLN A 49 2.77 -8.21 21.19
C GLN A 49 3.26 -8.54 19.79
N SER A 50 3.05 -9.76 19.34
CA SER A 50 3.53 -10.21 18.05
C SER A 50 2.59 -9.97 16.87
N ASP A 51 1.43 -9.36 17.10
CA ASP A 51 0.53 -9.07 15.96
C ASP A 51 1.16 -8.00 15.07
N ASN A 52 0.99 -8.06 13.75
CA ASN A 52 1.56 -7.06 12.87
C ASN A 52 0.86 -5.70 12.93
N GLY A 53 -0.28 -5.65 13.63
CA GLY A 53 -1.05 -4.42 13.74
C GLY A 53 -2.40 -4.46 13.03
N TYR A 54 -2.66 -5.57 12.27
CA TYR A 54 -3.94 -5.63 11.57
C TYR A 54 -5.03 -6.26 12.42
N GLY A 55 -4.74 -6.63 13.67
CA GLY A 55 -5.79 -7.02 14.65
C GLY A 55 -5.69 -5.99 15.80
N PRO A 56 -5.99 -4.72 15.53
CA PRO A 56 -5.81 -3.67 16.53
C PRO A 56 -6.75 -3.79 17.72
N TYR A 57 -6.21 -3.61 18.90
CA TYR A 57 -6.88 -3.56 20.18
C TYR A 57 -7.11 -2.11 20.64
N ASP A 58 -6.12 -1.25 20.76
CA ASP A 58 -6.36 0.11 21.27
C ASP A 58 -5.65 1.12 20.39
N LEU A 59 -6.40 1.90 19.61
CA LEU A 59 -5.77 2.88 18.71
C LEU A 59 -5.03 4.03 19.40
N TYR A 60 -5.35 4.21 20.69
CA TYR A 60 -4.68 5.29 21.44
C TYR A 60 -3.44 4.80 22.21
N ASP A 61 -3.01 3.56 22.05
CA ASP A 61 -1.80 3.06 22.73
C ASP A 61 -0.70 2.90 21.67
N LEU A 62 0.20 3.84 21.47
CA LEU A 62 1.25 3.75 20.48
C LEU A 62 2.52 3.09 21.05
N GLY A 63 2.34 2.25 22.07
CA GLY A 63 3.49 1.58 22.68
C GLY A 63 3.94 2.31 23.95
N GLU A 64 3.00 2.68 24.80
CA GLU A 64 3.41 3.35 26.03
C GLU A 64 2.61 2.95 27.25
N PHE A 65 1.61 2.08 27.04
CA PHE A 65 0.80 1.60 28.17
C PHE A 65 0.98 0.10 28.29
N GLN A 66 0.88 -0.37 29.54
CA GLN A 66 1.04 -1.81 29.82
C GLN A 66 -0.30 -2.51 29.55
N GLN A 67 -0.46 -3.12 28.38
CA GLN A 67 -1.69 -3.80 27.98
C GLN A 67 -1.29 -5.00 27.10
N LYS A 68 -1.97 -6.12 27.27
CA LYS A 68 -1.62 -7.36 26.58
C LYS A 68 -0.25 -7.91 26.94
N GLY A 69 0.18 -7.66 28.16
CA GLY A 69 1.43 -8.11 28.71
C GLY A 69 2.66 -7.41 28.15
N THR A 70 2.50 -6.26 27.48
CA THR A 70 3.68 -5.62 26.88
C THR A 70 3.48 -4.12 26.88
N VAL A 71 4.56 -3.34 26.97
CA VAL A 71 4.44 -1.91 26.82
C VAL A 71 4.61 -1.61 25.31
N ARG A 72 5.69 -2.08 24.72
CA ARG A 72 5.96 -1.82 23.32
C ARG A 72 4.98 -2.56 22.41
N THR A 73 4.86 -2.12 21.17
CA THR A 73 4.13 -2.91 20.17
C THR A 73 5.17 -3.86 19.57
N LYS A 74 4.85 -4.57 18.49
CA LYS A 74 5.86 -5.41 17.85
C LYS A 74 7.06 -4.58 17.39
N TYR A 75 6.77 -3.34 16.98
CA TYR A 75 7.73 -2.46 16.35
C TYR A 75 8.60 -1.62 17.28
N GLY A 76 8.16 -1.34 18.51
CA GLY A 76 9.02 -0.57 19.44
C GLY A 76 8.12 0.29 20.31
N THR A 77 8.69 1.24 21.04
CA THR A 77 7.89 2.13 21.89
C THR A 77 7.54 3.42 21.18
N LYS A 78 6.59 4.17 21.78
CA LYS A 78 6.20 5.45 21.18
C LYS A 78 7.34 6.44 21.05
N SER A 79 8.20 6.57 22.08
CA SER A 79 9.27 7.56 21.91
C SER A 79 10.25 7.15 20.82
N GLU A 80 10.46 5.86 20.60
CA GLU A 80 11.37 5.46 19.52
C GLU A 80 10.78 5.85 18.17
N LEU A 81 9.46 5.68 18.05
CA LEU A 81 8.78 6.05 16.80
C LEU A 81 8.85 7.57 16.56
N GLN A 82 8.65 8.35 17.64
CA GLN A 82 8.75 9.82 17.46
C GLN A 82 10.16 10.23 17.09
N ASP A 83 11.19 9.59 17.63
CA ASP A 83 12.55 9.90 17.20
C ASP A 83 12.76 9.47 15.74
N ALA A 84 12.25 8.32 15.28
CA ALA A 84 12.42 7.97 13.87
C ALA A 84 11.79 9.00 12.94
N ILE A 85 10.59 9.45 13.32
CA ILE A 85 9.88 10.47 12.52
C ILE A 85 10.65 11.78 12.48
N GLY A 86 11.26 12.16 13.60
CA GLY A 86 12.07 13.40 13.61
C GLY A 86 13.26 13.25 12.67
N SER A 87 13.91 12.09 12.63
CA SER A 87 15.03 11.89 11.72
C SER A 87 14.66 11.96 10.24
N LEU A 88 13.53 11.35 9.86
CA LEU A 88 13.06 11.43 8.48
C LEU A 88 12.73 12.86 8.10
N HIS A 89 12.01 13.53 9.02
CA HIS A 89 11.61 14.92 8.74
C HIS A 89 12.82 15.84 8.57
N SER A 90 13.86 15.68 9.36
CA SER A 90 15.01 16.59 9.18
C SER A 90 15.74 16.29 7.87
N ARG A 91 15.40 15.22 7.16
CA ARG A 91 15.96 14.92 5.86
C ARG A 91 14.95 15.08 4.73
N ASN A 92 13.88 15.80 5.01
CA ASN A 92 12.80 16.11 4.10
C ASN A 92 12.11 14.88 3.51
N VAL A 93 11.86 13.91 4.35
CA VAL A 93 11.14 12.69 3.97
C VAL A 93 9.81 12.69 4.74
N GLN A 94 8.70 12.50 4.06
CA GLN A 94 7.38 12.54 4.68
C GLN A 94 7.03 11.16 5.27
N VAL A 95 6.05 11.18 6.20
CA VAL A 95 5.65 9.95 6.87
C VAL A 95 4.14 9.72 6.75
N TYR A 96 3.73 8.57 6.21
CA TYR A 96 2.31 8.25 6.13
C TYR A 96 1.95 7.17 7.13
N GLY A 97 0.93 7.34 7.98
CA GLY A 97 0.57 6.31 8.97
C GLY A 97 -0.52 5.37 8.45
N ASP A 98 -0.42 4.09 8.85
CA ASP A 98 -1.41 3.07 8.47
C ASP A 98 -2.62 3.27 9.36
N VAL A 99 -3.82 3.15 8.79
CA VAL A 99 -5.08 3.41 9.49
C VAL A 99 -5.96 2.16 9.39
N VAL A 100 -6.18 1.46 10.51
CA VAL A 100 -6.92 0.21 10.54
C VAL A 100 -8.23 0.42 11.28
N LEU A 101 -9.28 0.77 10.54
CA LEU A 101 -10.56 1.12 11.14
C LEU A 101 -11.72 0.15 10.94
N ASN A 102 -11.62 -0.93 10.19
CA ASN A 102 -12.75 -1.80 9.94
C ASN A 102 -13.27 -2.60 11.13
N HIS A 103 -12.38 -3.02 12.03
CA HIS A 103 -12.70 -3.92 13.10
C HIS A 103 -11.82 -3.69 14.35
N LYS A 104 -12.23 -4.31 15.45
CA LYS A 104 -11.40 -4.27 16.66
C LYS A 104 -11.16 -5.74 17.10
N ALA A 105 -10.05 -6.10 17.65
CA ALA A 105 -9.72 -7.43 18.11
C ALA A 105 -9.15 -7.48 19.54
N GLY A 106 -9.33 -8.60 20.24
CA GLY A 106 -8.73 -8.70 21.56
C GLY A 106 -9.50 -8.11 22.72
N ALA A 107 -10.83 -8.17 22.65
CA ALA A 107 -11.66 -7.58 23.71
C ALA A 107 -11.27 -8.12 25.09
N ASP A 108 -11.51 -7.30 26.11
CA ASP A 108 -11.20 -7.69 27.49
C ASP A 108 -12.18 -8.72 28.04
N ALA A 109 -13.41 -8.69 27.53
CA ALA A 109 -14.42 -9.63 27.99
C ALA A 109 -15.57 -9.83 27.02
N THR A 110 -16.36 -10.88 27.32
CA THR A 110 -17.52 -11.15 26.47
C THR A 110 -18.77 -10.46 27.02
N GLU A 111 -19.75 -10.23 26.15
CA GLU A 111 -21.04 -9.70 26.53
C GLU A 111 -22.13 -10.60 25.91
N ASP A 112 -23.30 -10.61 26.53
CA ASP A 112 -24.42 -11.37 25.96
C ASP A 112 -25.11 -10.54 24.88
N VAL A 113 -25.37 -11.11 23.71
CA VAL A 113 -25.96 -10.33 22.63
C VAL A 113 -26.94 -11.19 21.84
N THR A 114 -28.02 -10.62 21.38
CA THR A 114 -28.94 -11.35 20.50
C THR A 114 -28.43 -11.21 19.05
N ALA A 115 -28.40 -12.34 18.34
CA ALA A 115 -27.86 -12.30 16.97
C ALA A 115 -28.57 -13.29 16.02
N VAL A 116 -28.36 -13.17 14.72
CA VAL A 116 -28.85 -14.10 13.72
C VAL A 116 -27.64 -14.47 12.84
N GLU A 117 -27.59 -15.64 12.24
CA GLU A 117 -26.53 -16.02 11.32
C GLU A 117 -26.87 -15.49 9.94
N VAL A 118 -25.93 -15.24 9.04
CA VAL A 118 -26.31 -14.76 7.71
C VAL A 118 -25.55 -15.66 6.71
N ASN A 119 -25.95 -15.76 5.47
CA ASN A 119 -25.22 -16.54 4.46
C ASN A 119 -23.89 -15.91 4.06
N PRO A 120 -22.79 -16.65 4.15
CA PRO A 120 -21.47 -16.10 3.85
C PRO A 120 -21.32 -15.65 2.41
N ALA A 121 -22.14 -16.22 1.51
CA ALA A 121 -22.10 -15.83 0.10
C ALA A 121 -23.07 -14.71 -0.21
N ASN A 122 -23.99 -14.44 0.72
CA ASN A 122 -24.96 -13.36 0.58
C ASN A 122 -25.35 -12.86 1.96
N ARG A 123 -24.54 -11.93 2.50
CA ARG A 123 -24.75 -11.46 3.87
C ARG A 123 -26.04 -10.66 4.04
N ASN A 124 -26.76 -10.36 2.96
CA ASN A 124 -28.06 -9.70 3.08
C ASN A 124 -29.13 -10.71 3.53
N GLN A 125 -28.87 -12.01 3.45
CA GLN A 125 -29.80 -13.05 3.82
C GLN A 125 -29.57 -13.61 5.23
N GLU A 126 -30.62 -13.50 6.06
CA GLU A 126 -30.53 -14.12 7.39
C GLU A 126 -30.85 -15.61 7.30
N THR A 127 -30.02 -16.49 7.85
CA THR A 127 -30.29 -17.91 7.72
C THR A 127 -30.66 -18.60 9.02
N SER A 128 -30.86 -17.85 10.09
CA SER A 128 -31.28 -18.48 11.33
C SER A 128 -32.30 -17.56 11.99
N GLU A 129 -32.87 -18.16 13.04
CA GLU A 129 -33.75 -17.38 13.89
C GLU A 129 -32.81 -16.71 14.92
N GLU A 130 -33.31 -15.73 15.64
CA GLU A 130 -32.34 -15.11 16.57
C GLU A 130 -32.15 -15.91 17.84
N TYR A 131 -30.94 -15.84 18.41
CA TYR A 131 -30.67 -16.54 19.66
C TYR A 131 -29.50 -15.78 20.32
N GLN A 132 -29.25 -16.17 21.55
CA GLN A 132 -28.20 -15.50 22.31
C GLN A 132 -26.80 -15.96 22.17
N ILE A 133 -25.78 -15.13 22.03
CA ILE A 133 -24.43 -15.64 21.95
C ILE A 133 -23.56 -14.87 22.98
N LYS A 134 -22.32 -15.34 23.17
CA LYS A 134 -21.42 -14.53 24.01
C LYS A 134 -20.32 -14.01 23.08
N ALA A 135 -20.30 -12.72 22.78
CA ALA A 135 -19.32 -12.19 21.82
C ALA A 135 -18.20 -11.38 22.47
N TRP A 136 -17.02 -11.31 21.88
CA TRP A 136 -15.90 -10.55 22.45
C TRP A 136 -16.01 -9.10 22.01
N THR A 137 -16.82 -8.33 22.77
CA THR A 137 -17.08 -6.94 22.41
C THR A 137 -16.83 -5.90 23.51
N ASP A 138 -16.41 -6.29 24.70
CA ASP A 138 -16.21 -5.32 25.79
C ASP A 138 -14.74 -4.84 25.81
N PHE A 139 -14.49 -3.60 25.42
CA PHE A 139 -13.15 -3.05 25.36
C PHE A 139 -13.02 -2.00 26.47
N ARG A 140 -12.20 -2.26 27.50
CA ARG A 140 -12.07 -1.28 28.58
C ARG A 140 -10.70 -0.61 28.76
N PHE A 141 -9.65 -1.05 28.14
CA PHE A 141 -8.34 -0.42 28.16
C PHE A 141 -7.80 -0.21 29.57
N PRO A 142 -7.63 -1.33 30.27
CA PRO A 142 -7.21 -1.28 31.67
C PRO A 142 -5.86 -0.67 31.89
N GLY A 143 -4.90 -0.75 31.00
CA GLY A 143 -3.61 -0.12 31.23
C GLY A 143 -3.55 1.35 30.87
N ARG A 144 -4.49 1.85 30.07
CA ARG A 144 -4.51 3.25 29.66
C ARG A 144 -5.45 4.10 30.52
N GLY A 145 -6.52 3.44 31.00
CA GLY A 145 -7.58 4.12 31.75
C GLY A 145 -8.24 5.15 30.82
N ASN A 146 -8.35 6.40 31.32
CA ASN A 146 -8.93 7.45 30.50
C ASN A 146 -7.95 8.38 29.82
N THR A 147 -6.68 8.09 29.75
CA THR A 147 -5.73 8.98 29.10
C THR A 147 -6.11 9.20 27.64
N TYR A 148 -6.18 10.46 27.23
CA TYR A 148 -6.47 10.83 25.85
C TYR A 148 -7.94 10.69 25.45
N SER A 149 -8.62 9.66 25.92
CA SER A 149 -10.02 9.44 25.52
C SER A 149 -10.72 8.53 26.50
N ASP A 150 -11.90 8.99 26.97
CA ASP A 150 -12.60 8.14 27.93
C ASP A 150 -13.62 7.23 27.24
N PHE A 151 -13.61 7.09 25.92
CA PHE A 151 -14.58 6.24 25.25
C PHE A 151 -14.31 4.75 25.52
N LYS A 152 -15.39 4.04 25.87
CA LYS A 152 -15.31 2.58 26.09
C LYS A 152 -16.19 1.85 25.08
N TRP A 153 -15.83 0.70 24.54
CA TRP A 153 -16.64 0.04 23.53
C TRP A 153 -17.49 -1.09 24.07
N HIS A 154 -18.67 -1.28 23.50
CA HIS A 154 -19.60 -2.34 23.81
C HIS A 154 -20.23 -2.94 22.53
N TRP A 155 -21.01 -4.03 22.76
CA TRP A 155 -21.57 -4.76 21.61
C TRP A 155 -22.33 -3.85 20.63
N TYR A 156 -23.01 -2.85 21.22
CA TYR A 156 -23.82 -1.97 20.38
C TYR A 156 -23.03 -0.96 19.55
N HIS A 157 -21.73 -0.86 19.58
CA HIS A 157 -20.94 -0.07 18.67
C HIS A 157 -20.47 -0.92 17.47
N PHE A 158 -20.88 -2.18 17.39
CA PHE A 158 -20.44 -3.10 16.34
C PHE A 158 -21.64 -3.70 15.58
N ASP A 159 -21.48 -4.10 14.33
CA ASP A 159 -22.56 -4.69 13.55
C ASP A 159 -22.57 -6.23 13.66
N GLY A 160 -21.45 -6.86 13.97
CA GLY A 160 -21.46 -8.34 13.98
C GLY A 160 -20.10 -8.89 14.43
N ALA A 161 -20.00 -10.20 14.55
CA ALA A 161 -18.78 -10.86 14.96
C ALA A 161 -18.72 -12.27 14.39
N ASP A 162 -17.63 -13.02 14.62
CA ASP A 162 -17.54 -14.32 13.98
C ASP A 162 -17.35 -15.49 14.94
N TRP A 163 -17.57 -15.21 16.23
CA TRP A 163 -17.38 -16.24 17.23
C TRP A 163 -18.37 -16.14 18.37
N ASP A 164 -18.89 -17.27 18.80
CA ASP A 164 -19.79 -17.34 19.95
C ASP A 164 -19.05 -18.15 21.03
N GLU A 165 -18.73 -17.50 22.14
CA GLU A 165 -17.92 -18.19 23.15
C GLU A 165 -18.72 -19.24 23.90
N SER A 166 -20.03 -19.09 23.86
CA SER A 166 -20.97 -19.99 24.50
C SER A 166 -20.89 -21.42 23.96
N ARG A 167 -21.31 -21.57 22.70
CA ARG A 167 -21.25 -22.84 22.01
C ARG A 167 -19.90 -23.12 21.34
N LYS A 168 -18.96 -22.19 21.28
CA LYS A 168 -17.69 -22.42 20.63
C LYS A 168 -17.87 -22.73 19.15
N ILE A 169 -18.58 -21.88 18.42
CA ILE A 169 -18.75 -22.05 16.99
C ILE A 169 -18.43 -20.75 16.26
N SER A 170 -17.94 -20.91 15.03
CA SER A 170 -17.56 -19.78 14.19
C SER A 170 -18.60 -19.65 13.09
N ARG A 171 -19.29 -18.52 13.01
CA ARG A 171 -20.28 -18.25 11.97
C ARG A 171 -20.20 -16.74 11.65
N ILE A 172 -20.96 -16.23 10.69
CA ILE A 172 -21.00 -14.76 10.52
C ILE A 172 -22.28 -14.32 11.25
N PHE A 173 -22.13 -13.70 12.42
CA PHE A 173 -23.24 -13.25 13.24
C PHE A 173 -23.55 -11.76 13.04
N LYS A 174 -24.81 -11.46 12.75
CA LYS A 174 -25.24 -10.05 12.63
C LYS A 174 -25.96 -9.72 13.95
N PHE A 175 -25.60 -8.63 14.61
CA PHE A 175 -26.25 -8.32 15.89
C PHE A 175 -27.63 -7.72 15.73
N ARG A 176 -28.51 -8.01 16.68
CA ARG A 176 -29.84 -7.37 16.72
C ARG A 176 -29.72 -6.14 17.65
N GLY A 177 -30.35 -5.04 17.28
CA GLY A 177 -30.29 -3.86 18.16
C GLY A 177 -31.11 -2.76 17.50
N GLU A 178 -31.03 -1.54 18.05
CA GLU A 178 -31.72 -0.42 17.43
C GLU A 178 -30.92 0.02 16.17
N GLY A 179 -31.67 -0.03 15.09
CA GLY A 179 -31.31 0.24 13.72
C GLY A 179 -30.14 -0.54 13.15
N LYS A 180 -29.86 -1.71 13.67
CA LYS A 180 -28.73 -2.53 13.22
C LYS A 180 -28.92 -3.05 11.81
N ALA A 181 -27.95 -2.93 10.93
CA ALA A 181 -27.94 -3.41 9.58
C ALA A 181 -26.50 -3.30 9.08
N TRP A 182 -26.06 -4.15 8.15
CA TRP A 182 -24.71 -3.91 7.61
C TRP A 182 -24.66 -2.51 7.02
N ASP A 183 -23.51 -1.85 7.04
CA ASP A 183 -23.33 -0.51 6.50
C ASP A 183 -23.39 -0.53 4.96
N TRP A 184 -23.71 0.64 4.43
CA TRP A 184 -23.75 0.81 2.93
C TRP A 184 -23.37 2.25 2.64
N GLU A 185 -22.60 2.58 1.62
CA GLU A 185 -22.10 1.66 0.61
C GLU A 185 -20.76 1.02 0.93
N VAL A 186 -20.62 -0.27 0.62
CA VAL A 186 -19.41 -1.05 0.76
C VAL A 186 -19.33 -1.94 -0.50
N SER A 187 -18.32 -2.76 -0.68
CA SER A 187 -18.31 -3.66 -1.84
C SER A 187 -19.58 -4.50 -1.91
N SER A 188 -20.13 -4.79 -3.09
CA SER A 188 -21.30 -5.66 -3.16
C SER A 188 -20.89 -7.11 -3.37
N GLU A 189 -19.59 -7.44 -3.27
CA GLU A 189 -19.17 -8.83 -3.33
C GLU A 189 -19.86 -9.56 -2.16
N ASN A 190 -20.28 -10.81 -2.35
CA ASN A 190 -20.96 -11.58 -1.31
C ASN A 190 -22.24 -10.88 -0.84
N GLY A 191 -22.88 -10.11 -1.69
CA GLY A 191 -24.08 -9.35 -1.39
C GLY A 191 -23.77 -8.03 -0.71
N ASN A 192 -23.03 -8.08 0.38
CA ASN A 192 -22.60 -6.90 1.13
C ASN A 192 -21.34 -7.34 1.89
N TYR A 193 -20.19 -6.74 1.63
CA TYR A 193 -18.95 -7.19 2.23
C TYR A 193 -18.52 -6.32 3.39
N ASP A 194 -19.47 -5.82 4.17
CA ASP A 194 -19.11 -5.00 5.36
C ASP A 194 -18.31 -5.84 6.35
N TYR A 195 -18.77 -7.09 6.56
CA TYR A 195 -18.15 -8.00 7.50
C TYR A 195 -16.89 -8.67 6.96
N LEU A 196 -15.73 -8.63 7.66
CA LEU A 196 -14.51 -9.27 7.19
C LEU A 196 -13.99 -10.23 8.27
N MET A 197 -13.76 -9.69 9.48
CA MET A 197 -13.23 -10.49 10.58
C MET A 197 -13.37 -9.75 11.90
N TYR A 198 -13.10 -10.46 13.00
CA TYR A 198 -13.17 -9.91 14.36
C TYR A 198 -14.49 -9.19 14.60
N ALA A 199 -14.52 -8.13 15.41
CA ALA A 199 -15.72 -7.36 15.69
C ALA A 199 -15.81 -6.18 14.72
N ASP A 200 -16.89 -6.20 13.91
CA ASP A 200 -17.06 -5.22 12.85
C ASP A 200 -17.62 -3.90 13.34
N VAL A 201 -16.90 -2.79 13.15
CA VAL A 201 -17.41 -1.50 13.64
C VAL A 201 -18.65 -1.03 12.89
N ASP A 202 -19.64 -0.50 13.62
CA ASP A 202 -20.86 0.03 13.05
C ASP A 202 -20.76 1.51 12.70
N TYR A 203 -20.48 1.87 11.44
CA TYR A 203 -20.31 3.28 11.08
C TYR A 203 -21.64 4.00 10.86
N ASP A 204 -22.74 3.35 11.27
CA ASP A 204 -24.06 4.00 11.30
C ASP A 204 -24.22 4.61 12.72
N HIS A 205 -23.38 4.22 13.67
CA HIS A 205 -23.60 4.77 15.06
C HIS A 205 -22.94 6.12 15.20
N PRO A 206 -23.66 7.17 15.56
CA PRO A 206 -23.16 8.53 15.55
C PRO A 206 -22.07 8.80 16.56
N ASP A 207 -22.08 8.10 17.70
CA ASP A 207 -20.97 8.33 18.61
C ASP A 207 -19.68 7.68 18.08
N VAL A 208 -19.83 6.57 17.39
CA VAL A 208 -18.65 5.90 16.80
C VAL A 208 -18.02 6.82 15.75
N VAL A 209 -18.87 7.40 14.91
CA VAL A 209 -18.35 8.28 13.84
C VAL A 209 -17.60 9.46 14.43
N ALA A 210 -18.24 10.07 15.44
CA ALA A 210 -17.63 11.23 16.11
C ALA A 210 -16.33 10.90 16.83
N GLU A 211 -16.28 9.78 17.53
CA GLU A 211 -15.05 9.37 18.21
C GLU A 211 -13.93 9.01 17.22
N THR A 212 -14.25 8.36 16.12
CA THR A 212 -13.20 7.95 15.16
C THR A 212 -12.59 9.15 14.48
N LYS A 213 -13.40 10.21 14.26
CA LYS A 213 -12.85 11.46 13.69
C LYS A 213 -11.89 12.14 14.66
N LYS A 214 -12.34 12.19 15.93
CA LYS A 214 -11.49 12.74 16.99
C LYS A 214 -10.17 12.01 17.14
N TRP A 215 -10.22 10.68 17.08
CA TRP A 215 -8.98 9.87 17.09
C TRP A 215 -8.10 10.21 15.89
N GLY A 216 -8.65 10.36 14.68
CA GLY A 216 -7.86 10.67 13.50
C GLY A 216 -7.01 11.93 13.66
N ILE A 217 -7.68 12.96 14.19
CA ILE A 217 -7.03 14.25 14.41
C ILE A 217 -5.94 14.10 15.46
N TRP A 218 -6.28 13.37 16.53
CA TRP A 218 -5.28 13.10 17.59
C TRP A 218 -4.03 12.39 17.07
N TYR A 219 -4.26 11.36 16.26
CA TYR A 219 -3.15 10.54 15.72
C TYR A 219 -2.21 11.35 14.83
N ALA A 220 -2.83 12.12 13.91
CA ALA A 220 -2.04 13.00 13.04
C ALA A 220 -1.22 14.06 13.78
N ASN A 221 -1.82 14.63 14.83
CA ASN A 221 -1.11 15.60 15.65
C ASN A 221 -0.07 14.99 16.59
N GLU A 222 -0.36 13.83 17.19
CA GLU A 222 0.59 13.20 18.13
C GLU A 222 1.85 12.75 17.43
N LEU A 223 1.77 12.26 16.19
CA LEU A 223 2.96 11.79 15.48
C LEU A 223 3.45 12.73 14.39
N SER A 224 2.85 13.89 14.20
CA SER A 224 3.17 14.78 13.09
C SER A 224 3.17 14.07 11.73
N LEU A 225 2.13 13.28 11.46
CA LEU A 225 1.99 12.62 10.20
C LEU A 225 1.71 13.58 9.05
N ASP A 226 2.13 13.21 7.84
CA ASP A 226 1.95 13.96 6.62
C ASP A 226 0.90 13.34 5.70
N GLY A 227 0.42 12.14 6.06
CA GLY A 227 -0.60 11.47 5.26
C GLY A 227 -1.03 10.12 5.81
N PHE A 228 -1.87 9.40 5.05
CA PHE A 228 -2.35 8.12 5.54
C PHE A 228 -2.48 7.02 4.47
N ARG A 229 -2.44 5.77 4.91
CA ARG A 229 -2.74 4.62 4.07
C ARG A 229 -3.97 3.96 4.74
N ILE A 230 -5.08 3.79 4.03
CA ILE A 230 -6.32 3.23 4.58
C ILE A 230 -6.45 1.75 4.29
N ASP A 231 -6.47 0.95 5.37
CA ASP A 231 -6.57 -0.50 5.26
C ASP A 231 -8.00 -0.98 4.99
N ALA A 232 -8.15 -2.03 4.22
CA ALA A 232 -9.45 -2.67 4.00
C ALA A 232 -10.58 -1.77 3.60
N ALA A 233 -10.34 -0.80 2.72
CA ALA A 233 -11.31 0.20 2.35
C ALA A 233 -12.60 -0.34 1.75
N LYS A 234 -12.58 -1.50 1.09
CA LYS A 234 -13.81 -1.98 0.45
C LYS A 234 -14.82 -2.51 1.46
N HIS A 235 -14.40 -2.66 2.72
CA HIS A 235 -15.22 -3.13 3.82
C HIS A 235 -15.71 -2.02 4.74
N ILE A 236 -15.54 -0.74 4.43
CA ILE A 236 -15.96 0.38 5.26
C ILE A 236 -16.79 1.39 4.48
N LYS A 237 -17.91 1.79 5.08
CA LYS A 237 -18.83 2.75 4.48
C LYS A 237 -18.13 3.85 3.71
N PHE A 238 -18.32 3.97 2.40
CA PHE A 238 -17.50 4.90 1.60
C PHE A 238 -17.64 6.37 1.99
N SER A 239 -18.89 6.76 2.28
CA SER A 239 -19.12 8.17 2.62
C SER A 239 -18.49 8.50 3.98
N PHE A 240 -18.35 7.50 4.85
CA PHE A 240 -17.61 7.79 6.09
C PHE A 240 -16.14 8.00 5.76
N LEU A 241 -15.51 7.19 4.92
CA LEU A 241 -14.08 7.40 4.66
C LEU A 241 -13.83 8.76 4.02
N ARG A 242 -14.74 9.16 3.14
CA ARG A 242 -14.62 10.47 2.49
C ARG A 242 -14.64 11.57 3.54
N ASP A 243 -15.60 11.48 4.47
CA ASP A 243 -15.76 12.53 5.49
C ASP A 243 -14.65 12.50 6.56
N TRP A 244 -14.16 11.32 6.89
CA TRP A 244 -13.10 11.19 7.90
C TRP A 244 -11.85 11.88 7.38
N VAL A 245 -11.53 11.61 6.11
CA VAL A 245 -10.32 12.26 5.57
C VAL A 245 -10.47 13.78 5.61
N GLN A 246 -11.65 14.22 5.18
CA GLN A 246 -11.88 15.69 5.12
C GLN A 246 -11.82 16.37 6.47
N ALA A 247 -12.35 15.76 7.53
CA ALA A 247 -12.28 16.29 8.88
C ALA A 247 -10.84 16.39 9.39
N VAL A 248 -9.96 15.44 9.09
CA VAL A 248 -8.58 15.58 9.55
C VAL A 248 -7.90 16.73 8.79
N ARG A 249 -8.18 16.84 7.49
CA ARG A 249 -7.58 17.92 6.66
C ARG A 249 -8.01 19.29 7.20
N GLN A 250 -9.30 19.40 7.50
CA GLN A 250 -9.88 20.64 8.00
C GLN A 250 -9.27 21.09 9.32
N ALA A 251 -9.17 20.13 10.25
CA ALA A 251 -8.61 20.39 11.56
C ALA A 251 -7.11 20.62 11.55
N THR A 252 -6.25 20.03 10.77
CA THR A 252 -4.82 20.29 10.85
C THR A 252 -4.33 21.37 9.90
N GLY A 253 -5.08 21.64 8.84
CA GLY A 253 -4.66 22.56 7.80
C GLY A 253 -3.64 21.95 6.86
N LYS A 254 -3.33 20.67 6.90
CA LYS A 254 -2.31 20.04 6.04
C LYS A 254 -2.92 19.32 4.84
N GLU A 255 -2.16 19.05 3.79
CA GLU A 255 -2.65 18.35 2.62
C GLU A 255 -3.14 16.95 2.99
N MET A 256 -2.37 16.25 3.82
CA MET A 256 -2.64 14.90 4.22
C MET A 256 -2.94 14.00 3.02
N PHE A 257 -1.92 13.75 2.21
CA PHE A 257 -2.07 12.84 1.07
C PHE A 257 -2.68 11.53 1.60
N THR A 258 -3.63 10.89 0.95
CA THR A 258 -4.19 9.63 1.48
C THR A 258 -4.35 8.62 0.32
N VAL A 259 -3.95 7.39 0.53
CA VAL A 259 -4.14 6.35 -0.50
C VAL A 259 -4.93 5.23 0.17
N ALA A 260 -5.98 4.72 -0.48
CA ALA A 260 -6.76 3.62 0.08
C ALA A 260 -6.46 2.29 -0.61
N GLU A 261 -6.38 1.23 0.19
CA GLU A 261 -6.24 -0.12 -0.28
C GLU A 261 -7.64 -0.66 -0.59
N TYR A 262 -8.07 -0.61 -1.84
CA TYR A 262 -9.36 -1.18 -2.26
C TYR A 262 -9.02 -2.45 -3.06
N TRP A 263 -9.08 -3.60 -2.41
CA TRP A 263 -8.53 -4.81 -3.05
C TRP A 263 -9.52 -5.51 -3.96
N GLN A 264 -9.39 -5.21 -5.25
CA GLN A 264 -10.18 -5.87 -6.26
C GLN A 264 -9.54 -5.70 -7.64
N ASN A 265 -9.47 -6.81 -8.38
CA ASN A 265 -8.85 -6.75 -9.71
C ASN A 265 -9.90 -6.38 -10.74
N ASN A 266 -10.36 -5.13 -10.68
CA ASN A 266 -11.41 -4.60 -11.53
C ASN A 266 -11.40 -3.08 -11.53
N ALA A 267 -10.93 -2.46 -12.61
CA ALA A 267 -10.81 -1.01 -12.74
C ALA A 267 -12.11 -0.25 -12.49
N GLY A 268 -13.20 -0.79 -13.01
CA GLY A 268 -14.52 -0.19 -12.90
C GLY A 268 -14.97 -0.03 -11.45
N LYS A 269 -14.72 -1.05 -10.61
CA LYS A 269 -15.11 -0.95 -9.20
C LYS A 269 -14.18 0.01 -8.45
N LEU A 270 -12.92 0.08 -8.90
CA LEU A 270 -12.03 1.09 -8.31
C LEU A 270 -12.48 2.47 -8.72
N GLU A 271 -12.99 2.63 -9.93
CA GLU A 271 -13.47 3.96 -10.34
C GLU A 271 -14.70 4.38 -9.55
N ASN A 272 -15.59 3.43 -9.23
CA ASN A 272 -16.77 3.71 -8.42
C ASN A 272 -16.32 4.24 -7.06
N TYR A 273 -15.29 3.65 -6.45
CA TYR A 273 -14.82 4.15 -5.16
C TYR A 273 -14.33 5.59 -5.27
N LEU A 274 -13.59 5.91 -6.32
CA LEU A 274 -13.09 7.28 -6.52
C LEU A 274 -14.27 8.26 -6.60
N ASN A 275 -15.26 7.90 -7.41
CA ASN A 275 -16.44 8.77 -7.55
C ASN A 275 -17.14 8.94 -6.21
N LYS A 276 -17.33 7.85 -5.48
CA LYS A 276 -18.03 7.92 -4.20
C LYS A 276 -17.23 8.66 -3.12
N THR A 277 -15.93 8.86 -3.29
CA THR A 277 -15.18 9.62 -2.29
C THR A 277 -14.80 10.99 -2.83
N SER A 278 -15.52 11.40 -3.88
CA SER A 278 -15.25 12.69 -4.49
C SER A 278 -13.81 12.87 -4.94
N PHE A 279 -13.04 11.88 -5.35
CA PHE A 279 -11.69 12.11 -5.84
C PHE A 279 -10.81 12.78 -4.79
N ASN A 280 -11.15 12.53 -3.51
CA ASN A 280 -10.32 13.11 -2.45
C ASN A 280 -9.18 12.21 -1.98
N GLN A 281 -8.94 11.06 -2.57
CA GLN A 281 -7.83 10.19 -2.16
C GLN A 281 -7.45 9.28 -3.33
N SER A 282 -6.24 8.73 -3.33
CA SER A 282 -5.83 7.83 -4.41
C SER A 282 -6.17 6.40 -4.07
N VAL A 283 -5.98 5.46 -4.96
CA VAL A 283 -6.11 4.04 -4.70
C VAL A 283 -4.84 3.33 -5.22
N PHE A 284 -4.55 2.15 -4.69
CA PHE A 284 -3.45 1.33 -5.21
C PHE A 284 -3.91 0.67 -6.51
N ASP A 285 -3.04 0.58 -7.52
CA ASP A 285 -3.40 0.02 -8.82
C ASP A 285 -3.26 -1.51 -8.80
N VAL A 286 -4.33 -2.11 -8.24
CA VAL A 286 -4.36 -3.57 -8.11
C VAL A 286 -4.29 -4.24 -9.47
N PRO A 287 -5.05 -3.82 -10.48
CA PRO A 287 -5.01 -4.44 -11.79
C PRO A 287 -3.59 -4.42 -12.38
N LEU A 288 -2.83 -3.34 -12.21
CA LEU A 288 -1.45 -3.33 -12.76
C LEU A 288 -0.59 -4.38 -12.08
N HIS A 289 -0.76 -4.59 -10.75
CA HIS A 289 0.01 -5.65 -10.07
C HIS A 289 -0.23 -6.99 -10.77
N PHE A 290 -1.51 -7.30 -11.08
CA PHE A 290 -1.86 -8.57 -11.71
C PHE A 290 -1.34 -8.73 -13.13
N ASN A 291 -1.31 -7.63 -13.88
CA ASN A 291 -0.75 -7.69 -15.23
C ASN A 291 0.75 -7.97 -15.16
N LEU A 292 1.47 -7.31 -14.24
CA LEU A 292 2.91 -7.53 -14.13
C LEU A 292 3.22 -8.97 -13.71
N GLN A 293 2.39 -9.50 -12.83
CA GLN A 293 2.57 -10.88 -12.34
C GLN A 293 2.36 -11.90 -13.46
N ALA A 294 1.33 -11.61 -14.26
CA ALA A 294 1.00 -12.46 -15.39
C ALA A 294 2.18 -12.49 -16.37
N ALA A 295 2.71 -11.31 -16.70
CA ALA A 295 3.82 -11.27 -17.65
C ALA A 295 5.01 -12.07 -17.07
N SER A 296 5.21 -11.98 -15.77
CA SER A 296 6.34 -12.64 -15.13
C SER A 296 6.19 -14.16 -15.09
N SER A 297 4.98 -14.67 -15.29
CA SER A 297 4.79 -16.09 -15.15
C SER A 297 4.51 -16.85 -16.45
N GLN A 298 4.46 -16.20 -17.59
CA GLN A 298 4.17 -16.95 -18.81
C GLN A 298 5.39 -17.28 -19.64
N GLY A 299 6.58 -17.19 -19.10
CA GLY A 299 7.80 -17.56 -19.79
C GLY A 299 8.03 -16.99 -21.16
N GLY A 300 7.60 -15.75 -21.40
CA GLY A 300 7.78 -15.10 -22.69
C GLY A 300 6.50 -15.05 -23.50
N GLY A 301 5.47 -15.81 -23.12
CA GLY A 301 4.23 -15.87 -23.86
C GLY A 301 3.22 -14.76 -23.73
N TYR A 302 3.37 -13.87 -22.76
CA TYR A 302 2.44 -12.75 -22.56
C TYR A 302 2.63 -11.73 -23.68
N ASP A 303 1.57 -11.04 -24.09
CA ASP A 303 1.73 -10.01 -25.13
C ASP A 303 2.02 -8.69 -24.39
N MET A 304 3.27 -8.26 -24.38
CA MET A 304 3.71 -7.09 -23.66
C MET A 304 3.04 -5.80 -24.11
N ARG A 305 2.37 -5.82 -25.26
CA ARG A 305 1.69 -4.62 -25.71
C ARG A 305 0.46 -4.34 -24.83
N LYS A 306 0.02 -5.33 -24.08
CA LYS A 306 -1.18 -5.22 -23.25
C LYS A 306 -0.99 -4.91 -21.77
N LEU A 307 0.23 -4.54 -21.38
CA LEU A 307 0.51 -4.29 -19.98
C LEU A 307 -0.39 -3.25 -19.34
N LEU A 308 -0.81 -2.23 -20.08
CA LEU A 308 -1.60 -1.16 -19.50
C LEU A 308 -3.11 -1.38 -19.56
N ASN A 309 -3.57 -2.42 -20.25
CA ASN A 309 -4.98 -2.71 -20.39
C ASN A 309 -5.71 -2.96 -19.05
N GLY A 310 -6.81 -2.26 -18.83
CA GLY A 310 -7.58 -2.44 -17.61
C GLY A 310 -6.95 -1.89 -16.35
N THR A 311 -5.88 -1.10 -16.39
CA THR A 311 -5.26 -0.57 -15.17
C THR A 311 -5.81 0.80 -14.76
N VAL A 312 -5.74 1.12 -13.45
CA VAL A 312 -6.22 2.44 -13.00
C VAL A 312 -5.29 3.55 -13.51
N VAL A 313 -3.99 3.27 -13.62
CA VAL A 313 -3.08 4.31 -14.08
C VAL A 313 -3.34 4.79 -15.51
N SER A 314 -3.92 3.95 -16.36
CA SER A 314 -4.17 4.40 -17.74
C SER A 314 -5.40 5.29 -17.79
N LYS A 315 -6.29 5.23 -16.80
CA LYS A 315 -7.53 5.98 -16.76
C LYS A 315 -7.49 7.25 -15.89
N HIS A 316 -6.95 7.05 -14.69
CA HIS A 316 -6.82 8.11 -13.70
C HIS A 316 -5.40 8.19 -13.16
N PRO A 317 -4.44 8.64 -13.94
CA PRO A 317 -3.05 8.65 -13.55
C PRO A 317 -2.75 9.44 -12.30
N LEU A 318 -3.48 10.52 -12.05
CA LEU A 318 -3.18 11.35 -10.89
C LEU A 318 -3.76 10.79 -9.58
N LYS A 319 -4.53 9.72 -9.67
CA LYS A 319 -5.11 9.14 -8.46
C LYS A 319 -4.64 7.71 -8.22
N SER A 320 -3.55 7.29 -8.85
CA SER A 320 -3.07 5.92 -8.69
C SER A 320 -1.73 5.79 -8.00
N VAL A 321 -1.58 4.83 -7.12
CA VAL A 321 -0.27 4.55 -6.51
C VAL A 321 0.15 3.21 -7.11
N THR A 322 1.23 3.16 -7.87
CA THR A 322 1.63 1.89 -8.52
C THR A 322 2.57 1.08 -7.65
N PHE A 323 2.50 -0.26 -7.73
CA PHE A 323 3.37 -1.11 -6.93
C PHE A 323 3.64 -2.44 -7.60
N VAL A 324 4.72 -3.12 -7.21
CA VAL A 324 5.10 -4.41 -7.78
C VAL A 324 4.60 -5.53 -6.88
N ASP A 325 4.99 -5.51 -5.60
CA ASP A 325 4.55 -6.48 -4.61
C ASP A 325 4.38 -5.78 -3.25
N ASN A 326 3.67 -6.42 -2.31
CA ASN A 326 3.52 -5.90 -0.96
C ASN A 326 3.35 -7.00 0.05
N HIS A 327 3.00 -6.65 1.30
CA HIS A 327 2.91 -7.64 2.38
C HIS A 327 1.75 -8.61 2.18
N ASP A 328 0.79 -8.30 1.34
CA ASP A 328 -0.33 -9.16 1.00
C ASP A 328 0.07 -10.18 -0.08
N THR A 329 0.92 -9.78 -1.05
CA THR A 329 1.22 -10.63 -2.19
C THR A 329 2.52 -11.43 -2.08
N GLN A 330 3.31 -11.22 -1.05
CA GLN A 330 4.59 -11.93 -0.86
C GLN A 330 4.35 -13.41 -0.53
N PRO A 331 5.34 -14.24 -0.71
CA PRO A 331 5.27 -15.67 -0.54
C PRO A 331 4.70 -16.05 0.82
N GLY A 332 3.78 -17.01 0.70
CA GLY A 332 3.10 -17.60 1.82
C GLY A 332 1.95 -16.80 2.39
N GLN A 333 1.63 -15.63 1.85
CA GLN A 333 0.56 -14.84 2.45
C GLN A 333 -0.79 -15.15 1.84
N SER A 334 -1.79 -14.48 2.41
CA SER A 334 -3.18 -14.72 2.01
C SER A 334 -3.43 -14.51 0.53
N LEU A 335 -3.06 -13.35 0.02
CA LEU A 335 -3.25 -13.00 -1.38
C LEU A 335 -2.00 -13.18 -2.22
N GLU A 336 -1.20 -14.19 -1.88
CA GLU A 336 0.03 -14.49 -2.56
C GLU A 336 -0.10 -14.41 -4.08
N SER A 337 0.73 -13.62 -4.74
CA SER A 337 0.71 -13.50 -6.20
C SER A 337 1.99 -12.71 -6.55
N THR A 338 3.12 -13.33 -6.21
CA THR A 338 4.41 -12.64 -6.33
C THR A 338 4.90 -12.46 -7.75
N VAL A 339 5.49 -11.32 -8.07
CA VAL A 339 6.10 -11.17 -9.41
C VAL A 339 7.38 -11.99 -9.42
N GLN A 340 7.60 -12.94 -10.36
CA GLN A 340 8.85 -13.71 -10.31
C GLN A 340 10.10 -12.82 -10.36
N THR A 341 11.15 -13.26 -9.67
CA THR A 341 12.40 -12.53 -9.53
C THR A 341 13.05 -12.09 -10.81
N TRP A 342 13.10 -12.94 -11.84
CA TRP A 342 13.72 -12.50 -13.10
C TRP A 342 13.05 -11.27 -13.69
N PHE A 343 11.75 -11.11 -13.51
CA PHE A 343 11.02 -9.98 -14.08
C PHE A 343 10.93 -8.77 -13.18
N LYS A 344 11.30 -8.94 -11.91
CA LYS A 344 11.17 -7.83 -10.94
C LYS A 344 11.88 -6.56 -11.34
N PRO A 345 13.12 -6.54 -11.78
CA PRO A 345 13.80 -5.33 -12.23
C PRO A 345 13.08 -4.68 -13.42
N LEU A 346 12.50 -5.46 -14.34
CA LEU A 346 11.76 -4.94 -15.48
C LEU A 346 10.49 -4.23 -15.00
N ALA A 347 9.78 -4.84 -14.03
CA ALA A 347 8.62 -4.24 -13.40
C ALA A 347 8.97 -2.96 -12.64
N TYR A 348 10.08 -2.90 -11.91
CA TYR A 348 10.43 -1.64 -11.24
C TYR A 348 10.79 -0.56 -12.27
N ALA A 349 11.40 -0.97 -13.40
CA ALA A 349 11.72 0.01 -14.43
C ALA A 349 10.41 0.62 -14.95
N PHE A 350 9.42 -0.27 -15.13
CA PHE A 350 8.12 0.17 -15.64
C PHE A 350 7.42 1.17 -14.73
N ILE A 351 7.39 0.91 -13.41
CA ILE A 351 6.72 1.88 -12.54
C ILE A 351 7.55 3.10 -12.14
N LEU A 352 8.86 3.10 -12.08
CA LEU A 352 9.67 4.23 -11.63
C LEU A 352 10.11 5.20 -12.73
N THR A 353 10.19 4.75 -14.00
CA THR A 353 10.69 5.68 -15.03
C THR A 353 9.63 6.25 -15.96
N ARG A 354 8.38 5.87 -15.78
CA ARG A 354 7.27 6.37 -16.62
C ARG A 354 6.63 7.58 -15.94
N GLU A 355 6.04 8.52 -16.70
CA GLU A 355 5.52 9.74 -16.12
C GLU A 355 4.27 9.64 -15.27
N SER A 356 3.43 8.61 -15.42
CA SER A 356 2.20 8.62 -14.62
C SER A 356 2.22 7.64 -13.45
N GLY A 357 1.43 7.95 -12.44
CA GLY A 357 1.37 7.18 -11.22
C GLY A 357 2.42 7.64 -10.20
N TYR A 358 2.09 7.39 -8.94
CA TYR A 358 3.00 7.64 -7.81
C TYR A 358 3.56 6.28 -7.37
N PRO A 359 4.80 5.89 -7.63
CA PRO A 359 5.30 4.54 -7.39
C PRO A 359 5.73 4.19 -5.98
N GLN A 360 5.65 2.96 -5.48
CA GLN A 360 5.99 2.48 -4.16
C GLN A 360 7.02 1.35 -4.33
N VAL A 361 8.07 1.49 -3.56
CA VAL A 361 9.10 0.44 -3.56
C VAL A 361 8.77 -0.42 -2.34
N PHE A 362 8.83 -1.73 -2.39
CA PHE A 362 8.52 -2.60 -1.26
C PHE A 362 9.78 -3.00 -0.47
N TYR A 363 9.77 -2.86 0.86
CA TYR A 363 10.90 -3.22 1.72
C TYR A 363 11.38 -4.66 1.47
N GLY A 364 10.41 -5.57 1.29
CA GLY A 364 10.67 -6.97 1.04
C GLY A 364 11.46 -7.18 -0.25
N ASP A 365 11.30 -6.32 -1.25
CA ASP A 365 12.09 -6.45 -2.48
C ASP A 365 13.49 -5.87 -2.36
N MET A 366 13.66 -4.78 -1.59
CA MET A 366 14.97 -4.17 -1.38
C MET A 366 15.84 -5.06 -0.49
N TYR A 367 15.27 -5.47 0.64
CA TYR A 367 16.05 -6.23 1.61
C TYR A 367 15.79 -7.72 1.66
N GLY A 368 14.85 -8.33 0.95
CA GLY A 368 14.61 -9.77 1.08
C GLY A 368 13.48 -10.05 2.08
N THR A 369 12.75 -11.14 1.97
CA THR A 369 11.72 -11.53 2.91
C THR A 369 12.27 -12.66 3.81
N LYS A 370 11.80 -12.67 5.05
CA LYS A 370 12.37 -13.60 6.03
C LYS A 370 11.36 -14.62 6.54
N GLY A 371 10.47 -15.01 5.65
CA GLY A 371 9.49 -16.06 5.77
C GLY A 371 10.19 -17.44 5.76
N ASP A 372 9.36 -18.47 5.93
CA ASP A 372 9.97 -19.79 6.07
C ASP A 372 9.78 -20.72 4.88
N SER A 373 9.46 -20.10 3.76
CA SER A 373 9.31 -20.97 2.58
C SER A 373 10.71 -21.09 1.94
N GLN A 374 10.57 -21.83 0.87
CA GLN A 374 11.77 -22.02 0.03
C GLN A 374 11.64 -21.11 -1.19
N ARG A 375 10.78 -20.12 -1.16
CA ARG A 375 10.74 -19.25 -2.33
C ARG A 375 10.64 -17.80 -1.85
N GLU A 376 11.43 -17.52 -0.81
CA GLU A 376 11.46 -16.13 -0.33
C GLU A 376 12.01 -15.22 -1.40
N ILE A 377 11.68 -13.92 -1.29
CA ILE A 377 12.19 -12.93 -2.23
C ILE A 377 13.62 -12.60 -1.79
N PRO A 378 14.62 -12.69 -2.64
CA PRO A 378 15.99 -12.34 -2.30
C PRO A 378 16.18 -10.84 -2.19
N ALA A 379 17.24 -10.35 -1.55
CA ALA A 379 17.48 -8.90 -1.47
C ALA A 379 17.82 -8.37 -2.88
N LEU A 380 17.05 -7.48 -3.48
CA LEU A 380 17.35 -6.97 -4.82
C LEU A 380 17.79 -5.52 -4.82
N LYS A 381 18.17 -5.00 -3.64
CA LYS A 381 18.61 -3.61 -3.58
C LYS A 381 19.69 -3.25 -4.60
N HIS A 382 20.66 -4.11 -4.94
CA HIS A 382 21.66 -3.67 -5.91
C HIS A 382 21.12 -3.57 -7.32
N LYS A 383 20.00 -4.18 -7.64
CA LYS A 383 19.35 -4.06 -8.94
C LYS A 383 18.31 -2.93 -8.98
N ILE A 384 17.74 -2.65 -7.81
CA ILE A 384 16.70 -1.62 -7.79
C ILE A 384 17.31 -0.22 -7.67
N GLU A 385 18.40 -0.05 -6.91
CA GLU A 385 18.96 1.27 -6.70
C GLU A 385 19.38 2.03 -7.95
N PRO A 386 19.93 1.44 -8.98
CA PRO A 386 20.28 2.15 -10.21
C PRO A 386 19.01 2.66 -10.88
N ILE A 387 17.90 1.93 -10.71
CA ILE A 387 16.62 2.34 -11.32
C ILE A 387 16.02 3.52 -10.58
N LEU A 388 16.16 3.53 -9.24
CA LEU A 388 15.77 4.69 -8.43
C LEU A 388 16.58 5.93 -8.79
N LYS A 389 17.88 5.77 -9.06
CA LYS A 389 18.70 6.93 -9.48
C LYS A 389 18.22 7.41 -10.85
N ALA A 390 17.83 6.49 -11.73
CA ALA A 390 17.27 6.94 -13.00
C ALA A 390 15.98 7.74 -12.71
N ARG A 391 15.12 7.34 -11.77
CA ARG A 391 13.92 8.14 -11.50
C ARG A 391 14.30 9.52 -10.93
N LYS A 392 15.19 9.56 -9.95
CA LYS A 392 15.59 10.78 -9.28
C LYS A 392 16.23 11.84 -10.16
N GLN A 393 17.16 11.42 -11.01
CA GLN A 393 17.94 12.32 -11.83
C GLN A 393 17.66 12.36 -13.32
N TYR A 394 17.04 11.35 -13.92
CA TYR A 394 16.89 11.35 -15.38
C TYR A 394 15.48 11.29 -15.90
N ALA A 395 14.50 10.82 -15.13
CA ALA A 395 13.15 10.66 -15.70
C ALA A 395 12.32 11.93 -15.69
N TYR A 396 12.59 12.86 -16.62
CA TYR A 396 11.88 14.12 -16.68
C TYR A 396 11.54 14.48 -18.12
N GLY A 397 10.51 15.31 -18.32
CA GLY A 397 10.24 15.72 -19.70
C GLY A 397 9.29 14.83 -20.48
N ALA A 398 8.99 15.21 -21.73
CA ALA A 398 8.04 14.54 -22.58
C ALA A 398 8.28 13.04 -22.74
N GLN A 399 7.24 12.23 -22.81
CA GLN A 399 7.43 10.77 -22.94
C GLN A 399 6.95 10.25 -24.27
N HIS A 400 7.64 9.27 -24.86
CA HIS A 400 7.24 8.63 -26.09
C HIS A 400 7.14 7.13 -25.85
N ASP A 401 6.01 6.51 -26.17
CA ASP A 401 5.85 5.08 -25.91
C ASP A 401 6.05 4.19 -27.14
N TYR A 402 6.62 3.01 -27.01
CA TYR A 402 6.83 2.05 -28.10
C TYR A 402 6.32 0.69 -27.64
N PHE A 403 4.99 0.51 -27.58
CA PHE A 403 4.34 -0.75 -27.22
C PHE A 403 3.93 -1.43 -28.53
N ASP A 404 4.95 -1.85 -29.29
CA ASP A 404 4.69 -2.34 -30.63
C ASP A 404 5.23 -3.72 -30.97
N HIS A 405 5.47 -4.52 -29.93
CA HIS A 405 5.96 -5.88 -30.21
C HIS A 405 5.54 -6.77 -29.05
N HIS A 406 5.31 -8.05 -29.24
CA HIS A 406 4.82 -8.90 -28.17
C HIS A 406 5.85 -9.22 -27.11
N ASP A 407 7.14 -8.92 -27.35
CA ASP A 407 8.13 -9.19 -26.32
C ASP A 407 8.86 -7.91 -25.89
N ILE A 408 9.39 -7.20 -26.89
CA ILE A 408 10.19 -6.01 -26.62
C ILE A 408 9.43 -4.69 -26.67
N VAL A 409 9.31 -4.03 -25.50
CA VAL A 409 8.60 -2.74 -25.52
C VAL A 409 9.50 -1.72 -24.85
N GLY A 410 9.27 -0.44 -25.13
CA GLY A 410 10.10 0.61 -24.56
C GLY A 410 9.40 1.96 -24.52
N TRP A 411 10.11 2.90 -23.92
CA TRP A 411 9.63 4.28 -23.81
C TRP A 411 10.84 5.18 -23.62
N THR A 412 10.68 6.47 -23.92
CA THR A 412 11.70 7.45 -23.73
C THR A 412 11.19 8.68 -22.97
N ARG A 413 12.14 9.42 -22.42
CA ARG A 413 11.87 10.69 -21.73
C ARG A 413 12.87 11.70 -22.33
N GLU A 414 12.39 12.82 -22.86
CA GLU A 414 13.27 13.78 -23.53
C GLU A 414 14.16 14.56 -22.59
N GLY A 415 13.84 14.60 -21.31
CA GLY A 415 14.63 15.40 -20.37
C GLY A 415 13.98 16.77 -20.28
N ASP A 416 14.37 17.52 -19.28
CA ASP A 416 13.89 18.87 -19.00
C ASP A 416 15.12 19.76 -18.82
N SER A 417 15.08 20.95 -19.41
CA SER A 417 16.20 21.87 -19.39
C SER A 417 16.57 22.34 -18.00
N SER A 418 15.64 22.29 -17.04
CA SER A 418 15.96 22.63 -15.66
C SER A 418 16.51 21.45 -14.86
N VAL A 419 16.71 20.27 -15.46
CA VAL A 419 17.34 19.19 -14.70
C VAL A 419 18.49 18.78 -15.64
N ALA A 420 19.68 19.26 -15.34
CA ALA A 420 20.85 19.01 -16.17
C ALA A 420 21.07 17.56 -16.54
N ASN A 421 21.32 17.28 -17.82
CA ASN A 421 21.60 15.94 -18.32
C ASN A 421 20.45 14.96 -18.14
N SER A 422 19.24 15.44 -17.90
CA SER A 422 18.08 14.55 -17.78
C SER A 422 17.70 13.98 -19.14
N GLY A 423 16.89 12.92 -19.12
CA GLY A 423 16.47 12.22 -20.34
C GLY A 423 16.88 10.74 -20.23
N LEU A 424 16.10 9.81 -20.79
CA LEU A 424 16.44 8.40 -20.75
C LEU A 424 15.74 7.59 -21.84
N ALA A 425 16.18 6.34 -22.06
CA ALA A 425 15.55 5.45 -23.03
C ALA A 425 15.50 4.07 -22.39
N ALA A 426 14.31 3.52 -22.14
CA ALA A 426 14.18 2.26 -21.44
C ALA A 426 13.65 1.17 -22.39
N LEU A 427 14.16 -0.03 -22.23
CA LEU A 427 13.69 -1.18 -22.98
C LEU A 427 13.54 -2.38 -22.02
N ILE A 428 12.45 -3.13 -22.14
CA ILE A 428 12.29 -4.35 -21.37
C ILE A 428 11.81 -5.48 -22.28
N THR A 429 12.12 -6.74 -21.96
CA THR A 429 11.60 -7.81 -22.83
C THR A 429 11.27 -9.04 -22.00
N ASP A 430 10.11 -9.66 -22.27
CA ASP A 430 9.84 -10.91 -21.56
C ASP A 430 10.41 -12.12 -22.32
N GLY A 431 11.09 -11.92 -23.44
CA GLY A 431 11.61 -13.05 -24.23
C GLY A 431 13.02 -12.73 -24.70
N PRO A 432 13.42 -13.19 -25.87
CA PRO A 432 14.73 -12.91 -26.44
C PRO A 432 14.99 -11.40 -26.53
N GLY A 433 16.26 -11.02 -26.55
CA GLY A 433 16.66 -9.63 -26.67
C GLY A 433 16.64 -9.12 -28.11
N GLY A 434 17.09 -7.88 -28.32
CA GLY A 434 17.02 -7.32 -29.67
C GLY A 434 17.16 -5.80 -29.56
N ALA A 435 16.73 -5.11 -30.61
CA ALA A 435 16.90 -3.68 -30.66
C ALA A 435 15.64 -2.89 -31.03
N LYS A 436 15.62 -1.59 -30.76
CA LYS A 436 14.53 -0.72 -31.13
C LYS A 436 15.07 0.70 -31.32
N ARG A 437 14.61 1.29 -32.41
CA ARG A 437 14.94 2.68 -32.74
C ARG A 437 13.92 3.55 -32.01
N MET A 438 14.38 4.50 -31.21
CA MET A 438 13.41 5.35 -30.49
C MET A 438 13.86 6.81 -30.49
N TYR A 439 12.92 7.73 -30.37
CA TYR A 439 13.22 9.16 -30.39
C TYR A 439 13.41 9.74 -29.00
N VAL A 440 14.52 10.43 -28.76
CA VAL A 440 14.78 11.02 -27.44
C VAL A 440 14.81 12.53 -27.43
N GLY A 441 14.53 13.13 -28.59
CA GLY A 441 14.53 14.58 -28.71
C GLY A 441 15.78 15.08 -29.45
N ARG A 442 15.56 16.01 -30.38
CA ARG A 442 16.64 16.59 -31.15
C ARG A 442 17.61 17.38 -30.29
N GLN A 443 17.17 17.84 -29.12
CA GLN A 443 18.08 18.59 -28.25
C GLN A 443 19.15 17.70 -27.63
N ASN A 444 19.05 16.39 -27.77
CA ASN A 444 20.06 15.47 -27.24
C ASN A 444 20.92 14.90 -28.36
N ALA A 445 20.78 15.46 -29.56
CA ALA A 445 21.56 15.01 -30.70
C ALA A 445 23.08 14.99 -30.43
N GLY A 446 23.74 13.96 -30.91
CA GLY A 446 25.17 13.79 -30.81
C GLY A 446 25.72 13.31 -29.48
N GLU A 447 24.88 12.99 -28.49
CA GLU A 447 25.39 12.62 -27.17
C GLU A 447 25.70 11.14 -27.02
N THR A 448 26.61 10.79 -26.10
CA THR A 448 26.88 9.39 -25.83
C THR A 448 26.01 8.96 -24.64
N TRP A 449 25.15 7.97 -24.81
CA TRP A 449 24.29 7.48 -23.73
C TRP A 449 24.71 6.07 -23.33
N HIS A 450 24.53 5.67 -22.07
CA HIS A 450 24.97 4.34 -21.68
C HIS A 450 23.95 3.67 -20.76
N ASP A 451 23.98 2.35 -20.69
CA ASP A 451 23.07 1.61 -19.82
C ASP A 451 23.43 1.73 -18.34
N ILE A 452 22.68 2.49 -17.60
CA ILE A 452 22.92 2.71 -16.17
C ILE A 452 22.75 1.44 -15.33
N THR A 453 22.04 0.44 -15.84
CA THR A 453 21.86 -0.81 -15.09
C THR A 453 23.14 -1.64 -15.14
N GLY A 454 23.95 -1.41 -16.18
CA GLY A 454 25.17 -2.21 -16.36
C GLY A 454 24.95 -3.52 -17.10
N ASN A 455 23.73 -3.80 -17.51
CA ASN A 455 23.40 -5.02 -18.22
C ASN A 455 24.08 -5.05 -19.60
N ARG A 456 24.22 -3.89 -20.23
CA ARG A 456 24.93 -3.77 -21.49
C ARG A 456 26.10 -2.79 -21.38
N SER A 457 27.24 -3.20 -21.97
CA SER A 457 28.45 -2.39 -21.87
C SER A 457 28.70 -1.45 -23.04
N GLU A 458 28.06 -1.67 -24.17
CA GLU A 458 28.26 -0.78 -25.31
C GLU A 458 27.37 0.46 -25.31
N PRO A 459 27.95 1.63 -25.39
CA PRO A 459 27.19 2.87 -25.39
C PRO A 459 26.51 3.11 -26.73
N VAL A 460 25.57 4.06 -26.75
CA VAL A 460 24.84 4.39 -27.98
C VAL A 460 24.96 5.88 -28.26
N VAL A 461 25.10 6.20 -29.54
CA VAL A 461 25.23 7.61 -29.92
C VAL A 461 23.94 8.10 -30.56
N ILE A 462 23.38 9.18 -30.03
CA ILE A 462 22.15 9.74 -30.57
C ILE A 462 22.48 10.49 -31.88
N ASN A 463 21.79 10.14 -32.96
CA ASN A 463 22.05 10.77 -34.25
C ASN A 463 21.56 12.21 -34.31
N SER A 464 21.89 12.90 -35.41
CA SER A 464 21.52 14.29 -35.60
C SER A 464 20.02 14.56 -35.56
N GLU A 465 19.18 13.58 -35.82
CA GLU A 465 17.74 13.75 -35.80
C GLU A 465 17.12 13.57 -34.41
N GLY A 466 17.90 13.02 -33.48
CA GLY A 466 17.39 12.80 -32.13
C GLY A 466 16.93 11.36 -31.94
N TRP A 467 17.31 10.47 -32.84
CA TRP A 467 16.97 9.07 -32.76
C TRP A 467 18.19 8.21 -32.41
N GLY A 468 17.93 7.15 -31.65
CA GLY A 468 18.99 6.22 -31.26
C GLY A 468 18.54 4.77 -31.41
N GLU A 469 19.45 3.85 -31.68
CA GLU A 469 19.11 2.42 -31.77
C GLU A 469 19.57 1.77 -30.46
N PHE A 470 18.60 1.38 -29.62
CA PHE A 470 18.91 0.85 -28.30
C PHE A 470 18.81 -0.65 -28.31
N HIS A 471 19.63 -1.31 -27.48
CA HIS A 471 19.63 -2.77 -27.42
C HIS A 471 19.24 -3.24 -26.01
N VAL A 472 18.86 -4.49 -25.93
CA VAL A 472 18.45 -5.11 -24.67
C VAL A 472 18.69 -6.62 -24.70
N ASN A 473 19.19 -7.15 -23.59
CA ASN A 473 19.43 -8.60 -23.51
C ASN A 473 18.13 -9.37 -23.27
N GLY A 474 18.17 -10.68 -23.49
CA GLY A 474 17.03 -11.58 -23.30
C GLY A 474 16.51 -11.52 -21.86
N GLY A 475 15.20 -11.47 -21.65
CA GLY A 475 14.64 -11.42 -20.30
C GLY A 475 15.33 -10.40 -19.40
N SER A 476 15.59 -9.19 -19.92
CA SER A 476 16.35 -8.21 -19.16
C SER A 476 15.80 -6.80 -19.32
N VAL A 477 16.50 -5.84 -18.76
CA VAL A 477 16.12 -4.43 -18.89
C VAL A 477 17.37 -3.58 -19.12
N SER A 478 17.27 -2.57 -19.96
CA SER A 478 18.31 -1.58 -20.15
C SER A 478 17.72 -0.16 -20.07
N ILE A 479 18.42 0.72 -19.36
CA ILE A 479 18.01 2.12 -19.26
C ILE A 479 19.18 3.02 -19.64
N TYR A 480 19.13 3.62 -20.84
CA TYR A 480 20.23 4.47 -21.28
C TYR A 480 20.07 5.92 -20.85
N VAL A 481 21.14 6.54 -20.38
CA VAL A 481 21.19 7.91 -19.96
C VAL A 481 22.54 8.53 -20.39
N GLN A 482 22.61 9.84 -20.36
CA GLN A 482 23.83 10.57 -20.71
C GLN A 482 25.04 10.02 -19.97
N ARG A 483 26.11 9.77 -20.72
CA ARG A 483 27.35 9.30 -20.14
C ARG A 483 28.14 10.44 -19.47
CA CA B . -16.82 -3.41 7.96
CA CA C . -24.39 -0.67 10.61
CA CA D . 21.05 15.83 -23.08
CA CA E . 5.96 -11.92 -24.90
NA NA F . -20.20 -2.28 9.87
#